data_4DFM
#
_entry.id   4DFM
#
_cell.length_a   108.260
_cell.length_b   108.260
_cell.length_c   90.070
_cell.angle_alpha   90.00
_cell.angle_beta   90.00
_cell.angle_gamma   120.00
#
_symmetry.space_group_name_H-M   'P 31 2 1'
#
loop_
_entity.id
_entity.type
_entity.pdbx_description
1 polymer 'DNA polymerase I, thermostable'
2 polymer "5'-d(GACCACGGCGC ddG)-3'"
3 polymer "5'-d(AAAGCGCGCCGTGGTC)-3'"
4 non-polymer "5-(5-aminopent-1-yn-1-yl)-2'-deoxycytidine 5'-(tetrahydrogen triphosphate)"
5 non-polymer 'MAGNESIUM ION'
6 non-polymer 'FORMIC ACID'
7 non-polymer 1,2-ETHANEDIOL
8 water water
#
loop_
_entity_poly.entity_id
_entity_poly.type
_entity_poly.pdbx_seq_one_letter_code
_entity_poly.pdbx_strand_id
1 'polypeptide(L)'
;ALEEAPWPPPEGAFVGFVLSRKEPMWADLLALAAARGGRVHRAPEPYKALRDLKEARGLLAKDLSVLALREGLGLPPGDD
PMLLAYLLDPSNTTPEGVARRYGGEWTEEAGERAALSERLFANLWGRLEGEERLLWLYREVERPLSAVLAHMEATGVRLD
VAYLRALSLEVAEEIARLEAEVFRLAGHPFNLNSRDQLERVLFDELGLPAIGKTEKTGKRSTSAAVLEALREAHPIVEKI
LQYRELTKLKSTYIDPLPDLIHPRTGRLHTRFNQTATATGRLSSSDPNLQNIPVRTPLGQRIRRAFIAEEGWLLVALDYS
QIELRVLAHLSGDENLIRVFQEGRDIHTETASWMFGVPREAVDPLMRRAAKTINFGVLYGMSAHRLSQELAIPYEEAQAF
IERYFQSFPKVRAWIEKTLEEGRRRGYVETLFGRRRYVPDLEARVKSVREAAERMAFNMPVQGTAADLMKLAMVKLFPRL
EEMGARMLLQVHDELVLEAPKERAEAVARLAKEVMEGVYPLAVPLEVEVGIGEDWLSAKE
;
A
2 'polydeoxyribonucleotide' (DG)(DA)(DC)(DC)(DA)(DC)(DG)(DG)(DC)(DG)(DC)(DDG) B
3 'polydeoxyribonucleotide' (DA)(DA)(DA)(DG)(DC)(DG)(DC)(DG)(DC)(DC)(DG)(DT)(DG)(DG)(DT)(DC) C
#
loop_
_chem_comp.id
_chem_comp.type
_chem_comp.name
_chem_comp.formula
0L6 non-polymer '5-(5-aminopent-1-yn-1-yl)-2'-deoxycytidine 5'-(tetrahydrogen triphosphate)' 'C14 H25 N4 O13 P3'
DA DNA linking 2'-DEOXYADENOSINE-5'-MONOPHOSPHATE 'C10 H14 N5 O6 P'
DC DNA linking 2'-DEOXYCYTIDINE-5'-MONOPHOSPHATE 'C9 H14 N3 O7 P'
DDG DNA linking 2',3'-DIDEOXY-GUANOSINE-5'-MONOPHOSPHATE 'C10 H14 N5 O6 P'
DG DNA linking 2'-DEOXYGUANOSINE-5'-MONOPHOSPHATE 'C10 H14 N5 O7 P'
DT DNA linking THYMIDINE-5'-MONOPHOSPHATE 'C10 H15 N2 O8 P'
EDO non-polymer 1,2-ETHANEDIOL 'C2 H6 O2'
FMT non-polymer 'FORMIC ACID' 'C H2 O2'
MG non-polymer 'MAGNESIUM ION' 'Mg 2'
#
# COMPACT_ATOMS: atom_id res chain seq x y z
N LEU A 2 24.12 -22.76 -21.38
CA LEU A 2 24.01 -23.95 -20.56
C LEU A 2 23.72 -25.19 -21.41
N GLU A 3 24.20 -26.34 -20.96
CA GLU A 3 23.91 -27.62 -21.62
C GLU A 3 22.43 -27.96 -21.49
N GLU A 4 21.76 -28.13 -22.62
CA GLU A 4 20.35 -28.52 -22.62
C GLU A 4 20.20 -29.92 -22.06
N ALA A 5 19.18 -30.14 -21.24
CA ALA A 5 18.97 -31.44 -20.61
C ALA A 5 17.48 -31.72 -20.44
N PRO A 6 17.11 -33.01 -20.38
CA PRO A 6 15.68 -33.36 -20.26
C PRO A 6 15.05 -32.88 -18.96
N TRP A 7 13.77 -32.54 -19.02
CA TRP A 7 12.98 -32.30 -17.83
C TRP A 7 12.82 -33.65 -17.14
N PRO A 8 12.75 -33.69 -15.80
CA PRO A 8 12.73 -32.61 -14.81
C PRO A 8 14.11 -32.23 -14.28
N PRO A 9 14.25 -31.05 -13.68
CA PRO A 9 15.51 -30.60 -13.09
C PRO A 9 15.73 -31.29 -11.74
N PRO A 10 16.96 -31.23 -11.20
CA PRO A 10 17.19 -31.74 -9.86
C PRO A 10 16.69 -30.76 -8.81
N GLU A 11 16.66 -31.17 -7.54
CA GLU A 11 16.25 -30.28 -6.46
C GLU A 11 17.17 -29.07 -6.37
N GLY A 12 16.60 -27.92 -6.01
CA GLY A 12 17.38 -26.72 -5.84
C GLY A 12 17.57 -25.91 -7.11
N ALA A 13 17.00 -26.40 -8.21
CA ALA A 13 17.11 -25.70 -9.50
C ALA A 13 16.31 -24.39 -9.48
N PHE A 14 16.76 -23.43 -10.27
CA PHE A 14 16.07 -22.15 -10.40
C PHE A 14 15.12 -22.19 -11.59
N VAL A 15 13.90 -21.68 -11.41
CA VAL A 15 12.92 -21.72 -12.47
C VAL A 15 12.87 -20.44 -13.28
N GLY A 16 12.52 -20.58 -14.55
CA GLY A 16 12.19 -19.46 -15.41
C GLY A 16 10.84 -19.80 -16.00
N PHE A 17 10.03 -18.79 -16.27
CA PHE A 17 8.68 -19.04 -16.76
C PHE A 17 8.15 -17.83 -17.53
N VAL A 18 7.24 -18.10 -18.46
CA VAL A 18 6.61 -17.05 -19.24
C VAL A 18 5.09 -17.13 -19.13
N LEU A 19 4.48 -16.01 -18.76
CA LEU A 19 3.02 -15.93 -18.61
C LEU A 19 2.42 -15.12 -19.76
N SER A 20 1.20 -15.47 -20.15
CA SER A 20 0.50 -14.74 -21.21
C SER A 20 0.16 -13.30 -20.80
N ARG A 21 0.02 -13.07 -19.50
CA ARG A 21 -0.22 -11.74 -18.97
C ARG A 21 0.37 -11.62 -17.56
N LYS A 22 0.55 -10.38 -17.10
CA LYS A 22 1.28 -10.15 -15.86
C LYS A 22 0.62 -10.74 -14.60
N GLU A 23 -0.71 -10.83 -14.60
CA GLU A 23 -1.45 -11.26 -13.41
C GLU A 23 -1.53 -12.79 -13.31
N PRO A 24 -0.85 -13.36 -12.29
CA PRO A 24 -0.75 -14.83 -12.16
C PRO A 24 -2.08 -15.57 -12.06
N MET A 25 -3.09 -14.96 -11.44
CA MET A 25 -4.40 -15.61 -11.33
C MET A 25 -5.12 -15.67 -12.68
N TRP A 26 -4.71 -14.82 -13.62
CA TRP A 26 -5.39 -14.75 -14.92
C TRP A 26 -4.53 -15.28 -16.06
N ALA A 27 -3.27 -15.60 -15.77
CA ALA A 27 -2.31 -15.94 -16.80
C ALA A 27 -2.35 -17.40 -17.27
N ASP A 28 -2.02 -17.59 -18.54
CA ASP A 28 -1.72 -18.89 -19.08
C ASP A 28 -0.22 -19.12 -18.92
N LEU A 29 0.16 -20.28 -18.40
CA LEU A 29 1.58 -20.63 -18.28
C LEU A 29 2.08 -21.11 -19.63
N LEU A 30 2.77 -20.22 -20.36
CA LEU A 30 3.18 -20.50 -21.73
C LEU A 30 4.44 -21.36 -21.81
N ALA A 31 5.34 -21.18 -20.85
CA ALA A 31 6.58 -21.96 -20.83
C ALA A 31 7.18 -22.01 -19.43
N LEU A 32 7.98 -23.05 -19.21
CA LEU A 32 8.59 -23.30 -17.91
C LEU A 32 9.93 -23.97 -18.15
N ALA A 33 10.95 -23.50 -17.45
CA ALA A 33 12.26 -24.11 -17.55
C ALA A 33 12.97 -24.04 -16.21
N ALA A 34 14.07 -24.76 -16.09
CA ALA A 34 14.83 -24.74 -14.85
C ALA A 34 16.32 -24.88 -15.11
N ALA A 35 17.12 -24.27 -14.24
CA ALA A 35 18.57 -24.24 -14.43
C ALA A 35 19.32 -24.60 -13.17
N ARG A 36 20.33 -25.46 -13.32
CA ARG A 36 21.21 -25.82 -12.22
C ARG A 36 22.43 -26.58 -12.74
N GLY A 37 23.58 -26.29 -12.15
CA GLY A 37 24.79 -27.05 -12.43
C GLY A 37 25.19 -27.06 -13.89
N GLY A 38 25.09 -25.91 -14.54
CA GLY A 38 25.48 -25.77 -15.93
C GLY A 38 24.53 -26.45 -16.89
N ARG A 39 23.31 -26.71 -16.43
CA ARG A 39 22.29 -27.32 -17.28
C ARG A 39 21.01 -26.51 -17.28
N VAL A 40 20.29 -26.55 -18.41
CA VAL A 40 18.96 -25.95 -18.49
C VAL A 40 17.96 -27.03 -18.92
N HIS A 41 16.86 -27.12 -18.18
CA HIS A 41 15.83 -28.12 -18.48
C HIS A 41 14.56 -27.42 -18.91
N ARG A 42 14.12 -27.69 -20.14
CA ARG A 42 12.90 -27.07 -20.65
C ARG A 42 11.72 -28.05 -20.64
N ALA A 43 10.61 -27.61 -20.04
CA ALA A 43 9.44 -28.46 -19.89
C ALA A 43 8.61 -28.45 -21.16
N PRO A 44 8.40 -29.65 -21.74
CA PRO A 44 7.57 -29.77 -22.95
C PRO A 44 6.12 -29.42 -22.65
N GLU A 45 5.66 -29.75 -21.44
CA GLU A 45 4.30 -29.44 -21.02
C GLU A 45 4.33 -28.72 -19.68
N PRO A 46 4.27 -27.37 -19.72
CA PRO A 46 4.48 -26.50 -18.55
C PRO A 46 3.57 -26.79 -17.36
N TYR A 47 2.26 -26.89 -17.59
CA TYR A 47 1.32 -27.10 -16.49
C TYR A 47 1.61 -28.38 -15.72
N LYS A 48 1.73 -29.49 -16.44
CA LYS A 48 2.01 -30.77 -15.82
C LYS A 48 3.39 -30.78 -15.15
N ALA A 49 4.34 -30.06 -15.76
CA ALA A 49 5.69 -29.99 -15.23
C ALA A 49 5.79 -29.32 -13.86
N LEU A 50 4.83 -28.47 -13.54
CA LEU A 50 4.78 -27.79 -12.25
C LEU A 50 4.81 -28.80 -11.11
N ARG A 51 4.14 -29.92 -11.33
CA ARG A 51 4.04 -30.98 -10.33
C ARG A 51 5.40 -31.55 -9.92
N ASP A 52 6.41 -31.37 -10.78
CA ASP A 52 7.75 -31.91 -10.52
C ASP A 52 8.58 -31.05 -9.56
N LEU A 53 8.18 -29.80 -9.38
CA LEU A 53 8.94 -28.85 -8.57
C LEU A 53 8.58 -28.95 -7.09
N LYS A 54 9.58 -28.84 -6.23
CA LYS A 54 9.34 -28.79 -4.79
C LYS A 54 9.12 -27.37 -4.31
N GLU A 55 9.65 -26.41 -5.05
CA GLU A 55 9.44 -25.00 -4.75
C GLU A 55 9.75 -24.15 -5.99
N ALA A 56 9.24 -22.92 -5.97
CA ALA A 56 9.56 -21.95 -7.02
C ALA A 56 10.69 -21.05 -6.55
N ARG A 57 11.87 -21.29 -7.12
CA ARG A 57 13.07 -20.57 -6.75
C ARG A 57 13.54 -19.78 -7.96
N GLY A 58 13.51 -18.45 -7.87
CA GLY A 58 13.92 -17.63 -9.00
C GLY A 58 13.22 -16.29 -9.08
N LEU A 59 13.47 -15.56 -10.17
CA LEU A 59 12.84 -14.24 -10.36
C LEU A 59 11.32 -14.36 -10.38
N LEU A 60 10.66 -13.48 -9.63
CA LEU A 60 9.21 -13.45 -9.51
C LEU A 60 8.64 -14.79 -9.06
N ALA A 61 9.34 -15.46 -8.15
CA ALA A 61 8.91 -16.75 -7.59
C ALA A 61 7.44 -16.77 -7.16
N LYS A 62 6.99 -15.72 -6.49
CA LYS A 62 5.61 -15.65 -6.02
C LYS A 62 4.56 -15.80 -7.14
N ASP A 63 4.79 -15.16 -8.29
CA ASP A 63 3.84 -15.26 -9.39
C ASP A 63 3.60 -16.71 -9.82
N LEU A 64 4.68 -17.47 -9.96
CA LEU A 64 4.55 -18.87 -10.32
C LEU A 64 3.84 -19.64 -9.21
N SER A 65 4.16 -19.32 -7.96
CA SER A 65 3.52 -19.97 -6.82
C SER A 65 2.01 -19.74 -6.81
N VAL A 66 1.62 -18.49 -7.06
CA VAL A 66 0.20 -18.15 -7.12
C VAL A 66 -0.49 -18.93 -8.23
N LEU A 67 0.17 -19.05 -9.38
CA LEU A 67 -0.40 -19.80 -10.48
C LEU A 67 -0.51 -21.29 -10.11
N ALA A 68 0.50 -21.81 -9.43
CA ALA A 68 0.47 -23.19 -8.97
C ALA A 68 -0.69 -23.42 -7.99
N LEU A 69 -0.83 -22.53 -7.01
CA LEU A 69 -1.92 -22.61 -6.05
C LEU A 69 -3.28 -22.53 -6.74
N ARG A 70 -3.37 -21.69 -7.75
CA ARG A 70 -4.60 -21.58 -8.55
C ARG A 70 -4.97 -22.93 -9.15
N GLU A 71 -3.96 -23.70 -9.53
CA GLU A 71 -4.19 -25.00 -10.16
C GLU A 71 -4.27 -26.14 -9.15
N GLY A 72 -4.31 -25.80 -7.86
CA GLY A 72 -4.47 -26.78 -6.81
C GLY A 72 -3.17 -27.45 -6.36
N LEU A 73 -2.05 -26.81 -6.67
CA LEU A 73 -0.75 -27.36 -6.32
C LEU A 73 -0.08 -26.54 -5.23
N GLY A 74 0.30 -27.20 -4.13
CA GLY A 74 0.93 -26.51 -3.01
C GLY A 74 2.41 -26.24 -3.25
N LEU A 75 2.69 -25.35 -4.20
CA LEU A 75 4.07 -25.03 -4.56
C LEU A 75 4.48 -23.69 -3.94
N PRO A 76 5.34 -23.72 -2.90
CA PRO A 76 5.71 -22.46 -2.26
C PRO A 76 6.83 -21.74 -3.02
N PRO A 77 6.86 -20.40 -2.91
CA PRO A 77 7.98 -19.64 -3.47
C PRO A 77 9.16 -19.70 -2.52
N GLY A 78 10.37 -19.73 -3.07
CA GLY A 78 11.59 -19.75 -2.27
C GLY A 78 12.42 -18.53 -2.59
N ASP A 79 13.74 -18.74 -2.74
CA ASP A 79 14.64 -17.65 -3.08
C ASP A 79 14.20 -16.92 -4.34
N ASP A 80 14.29 -15.60 -4.29
CA ASP A 80 13.97 -14.74 -5.43
C ASP A 80 14.99 -13.61 -5.44
N PRO A 81 15.80 -13.53 -6.51
CA PRO A 81 16.79 -12.45 -6.61
C PRO A 81 16.18 -11.05 -6.52
N MET A 82 14.91 -10.89 -6.92
CA MET A 82 14.25 -9.59 -6.81
C MET A 82 14.25 -9.09 -5.37
N LEU A 83 13.98 -9.98 -4.43
CA LEU A 83 13.93 -9.63 -3.02
C LEU A 83 15.32 -9.22 -2.48
N LEU A 84 16.35 -9.94 -2.91
CA LEU A 84 17.72 -9.58 -2.52
C LEU A 84 18.07 -8.18 -3.05
N ALA A 85 17.76 -7.95 -4.31
CA ALA A 85 18.08 -6.67 -4.94
C ALA A 85 17.30 -5.53 -4.29
N TYR A 86 16.02 -5.77 -3.99
CA TYR A 86 15.16 -4.77 -3.36
C TYR A 86 15.70 -4.35 -2.01
N LEU A 87 16.20 -5.31 -1.24
CA LEU A 87 16.79 -5.00 0.07
C LEU A 87 18.10 -4.20 -0.07
N LEU A 88 18.89 -4.53 -1.07
CA LEU A 88 20.13 -3.78 -1.32
C LEU A 88 19.82 -2.32 -1.68
N ASP A 89 18.74 -2.13 -2.43
CA ASP A 89 18.38 -0.81 -2.95
C ASP A 89 16.94 -0.92 -3.44
N PRO A 90 15.99 -0.27 -2.74
CA PRO A 90 14.57 -0.42 -3.08
C PRO A 90 14.17 0.25 -4.40
N SER A 91 15.09 0.93 -5.08
CA SER A 91 14.81 1.37 -6.45
C SER A 91 14.93 0.19 -7.41
N ASN A 92 15.44 -0.93 -6.91
CA ASN A 92 15.41 -2.18 -7.67
C ASN A 92 14.01 -2.77 -7.61
N THR A 93 13.17 -2.44 -8.60
CA THR A 93 11.76 -2.82 -8.58
C THR A 93 11.32 -3.73 -9.73
N THR A 94 12.12 -3.78 -10.80
CA THR A 94 11.73 -4.57 -11.97
C THR A 94 12.80 -5.60 -12.34
N PRO A 95 12.37 -6.75 -12.86
CA PRO A 95 13.33 -7.74 -13.37
C PRO A 95 14.19 -7.16 -14.47
N GLU A 96 13.64 -6.24 -15.27
CA GLU A 96 14.40 -5.58 -16.32
C GLU A 96 15.61 -4.85 -15.73
N GLY A 97 15.37 -4.06 -14.71
CA GLY A 97 16.42 -3.26 -14.08
C GLY A 97 17.40 -4.11 -13.30
N VAL A 98 16.89 -5.09 -12.55
CA VAL A 98 17.72 -5.93 -11.72
C VAL A 98 18.67 -6.76 -12.58
N ALA A 99 18.15 -7.31 -13.68
CA ALA A 99 18.98 -8.07 -14.61
C ALA A 99 20.12 -7.23 -15.14
N ARG A 100 19.78 -6.06 -15.65
CA ARG A 100 20.76 -5.14 -16.21
C ARG A 100 21.85 -4.81 -15.20
N ARG A 101 21.44 -4.52 -13.97
CA ARG A 101 22.35 -4.08 -12.92
C ARG A 101 23.22 -5.21 -12.36
N TYR A 102 22.67 -6.42 -12.26
CA TYR A 102 23.37 -7.48 -11.52
C TYR A 102 23.85 -8.69 -12.34
N GLY A 103 23.69 -8.64 -13.65
CA GLY A 103 24.40 -9.60 -14.50
C GLY A 103 23.61 -10.35 -15.54
N GLY A 104 22.84 -9.64 -16.36
CA GLY A 104 22.14 -10.28 -17.46
C GLY A 104 21.11 -9.42 -18.15
N GLU A 105 20.16 -10.08 -18.80
CA GLU A 105 19.10 -9.39 -19.52
C GLU A 105 17.80 -10.15 -19.38
N TRP A 106 16.75 -9.44 -19.01
CA TRP A 106 15.41 -10.03 -18.92
C TRP A 106 14.84 -10.19 -20.32
N THR A 107 14.73 -11.44 -20.77
CA THR A 107 14.22 -11.73 -22.11
C THR A 107 12.85 -12.39 -22.00
N GLU A 108 12.33 -12.91 -23.10
CA GLU A 108 11.00 -13.51 -23.11
C GLU A 108 11.03 -15.03 -23.26
N GLU A 109 12.19 -15.63 -22.97
CA GLU A 109 12.35 -17.08 -23.08
C GLU A 109 12.59 -17.68 -21.69
N ALA A 110 11.82 -18.72 -21.37
CA ALA A 110 11.83 -19.30 -20.02
C ALA A 110 13.20 -19.85 -19.62
N GLY A 111 13.86 -20.53 -20.55
CA GLY A 111 15.19 -21.08 -20.29
C GLY A 111 16.19 -20.01 -19.95
N GLU A 112 16.12 -18.90 -20.70
CA GLU A 112 17.01 -17.78 -20.45
C GLU A 112 16.70 -17.12 -19.11
N ARG A 113 15.42 -17.07 -18.75
CA ARG A 113 15.00 -16.55 -17.44
C ARG A 113 15.46 -17.45 -16.29
N ALA A 114 15.43 -18.76 -16.49
CA ALA A 114 15.91 -19.68 -15.48
C ALA A 114 17.42 -19.50 -15.24
N ALA A 115 18.18 -19.45 -16.33
CA ALA A 115 19.63 -19.26 -16.26
C ALA A 115 19.97 -17.92 -15.63
N LEU A 116 19.21 -16.88 -16.00
CA LEU A 116 19.38 -15.55 -15.43
C LEU A 116 19.11 -15.56 -13.92
N SER A 117 18.02 -16.22 -13.52
CA SER A 117 17.67 -16.32 -12.10
C SER A 117 18.84 -16.91 -11.32
N GLU A 118 19.43 -17.98 -11.87
CA GLU A 118 20.52 -18.67 -11.22
C GLU A 118 21.70 -17.74 -10.96
N ARG A 119 22.18 -17.07 -11.99
CA ARG A 119 23.38 -16.26 -11.85
C ARG A 119 23.14 -14.97 -11.06
N LEU A 120 21.95 -14.40 -11.20
CA LEU A 120 21.59 -13.22 -10.43
C LEU A 120 21.57 -13.58 -8.96
N PHE A 121 21.02 -14.75 -8.63
CA PHE A 121 21.01 -15.16 -7.24
C PHE A 121 22.43 -15.26 -6.70
N ALA A 122 23.30 -15.91 -7.46
CA ALA A 122 24.70 -16.03 -7.09
C ALA A 122 25.32 -14.66 -6.80
N ASN A 123 25.19 -13.75 -7.75
CA ASN A 123 25.78 -12.42 -7.60
C ASN A 123 25.20 -11.67 -6.39
N LEU A 124 23.88 -11.63 -6.31
CA LEU A 124 23.19 -10.87 -5.26
C LEU A 124 23.43 -11.43 -3.86
N TRP A 125 23.44 -12.75 -3.74
CA TRP A 125 23.75 -13.38 -2.48
C TRP A 125 25.14 -12.96 -1.99
N GLY A 126 26.08 -12.84 -2.92
CA GLY A 126 27.42 -12.38 -2.60
C GLY A 126 27.44 -10.95 -2.10
N ARG A 127 26.63 -10.10 -2.69
CA ARG A 127 26.60 -8.69 -2.28
C ARG A 127 25.98 -8.53 -0.90
N LEU A 128 25.21 -9.52 -0.47
CA LEU A 128 24.60 -9.47 0.85
C LEU A 128 25.46 -10.07 1.95
N GLU A 129 26.66 -10.55 1.59
N GLU A 129 26.61 -10.60 1.60
CA GLU A 129 27.61 -11.06 2.58
CA GLU A 129 27.51 -11.09 2.64
C GLU A 129 28.15 -9.89 3.39
C GLU A 129 28.15 -9.92 3.39
N GLY A 130 28.14 -10.01 4.71
CA GLY A 130 28.57 -8.92 5.57
C GLY A 130 27.42 -7.99 5.93
N GLU A 131 26.37 -7.97 5.09
CA GLU A 131 25.19 -7.17 5.38
C GLU A 131 24.24 -7.93 6.28
N GLU A 132 24.66 -8.12 7.54
CA GLU A 132 23.93 -8.96 8.48
C GLU A 132 22.47 -8.56 8.65
N ARG A 133 22.19 -7.27 8.71
CA ARG A 133 20.82 -6.82 8.95
C ARG A 133 19.93 -7.07 7.74
N LEU A 134 20.44 -6.81 6.55
CA LEU A 134 19.69 -7.08 5.33
C LEU A 134 19.47 -8.58 5.15
N LEU A 135 20.48 -9.37 5.49
CA LEU A 135 20.34 -10.83 5.47
C LEU A 135 19.23 -11.28 6.42
N TRP A 136 19.18 -10.67 7.59
CA TRP A 136 18.14 -11.00 8.56
C TRP A 136 16.75 -10.69 7.99
N LEU A 137 16.62 -9.52 7.37
CA LEU A 137 15.36 -9.13 6.76
C LEU A 137 14.95 -10.11 5.65
N TYR A 138 15.93 -10.55 4.87
CA TYR A 138 15.63 -11.49 3.80
C TYR A 138 15.13 -12.82 4.35
N ARG A 139 15.91 -13.41 5.25
CA ARG A 139 15.60 -14.72 5.81
C ARG A 139 14.40 -14.73 6.75
N GLU A 140 14.26 -13.69 7.56
CA GLU A 140 13.23 -13.69 8.59
C GLU A 140 11.94 -12.99 8.18
N VAL A 141 12.02 -12.15 7.15
CA VAL A 141 10.86 -11.35 6.76
C VAL A 141 10.47 -11.57 5.29
N GLU A 142 11.27 -11.05 4.36
CA GLU A 142 10.87 -11.04 2.95
C GLU A 142 10.66 -12.42 2.32
N ARG A 143 11.63 -13.32 2.47
CA ARG A 143 11.46 -14.65 1.90
C ARG A 143 10.23 -15.40 2.42
N PRO A 144 10.06 -15.51 3.76
CA PRO A 144 8.85 -16.15 4.26
C PRO A 144 7.58 -15.40 3.85
N LEU A 145 7.63 -14.07 3.84
CA LEU A 145 6.44 -13.28 3.51
C LEU A 145 5.94 -13.59 2.10
N SER A 146 6.86 -13.89 1.18
CA SER A 146 6.47 -14.17 -0.18
C SER A 146 5.54 -15.38 -0.25
N ALA A 147 5.78 -16.37 0.62
CA ALA A 147 4.87 -17.51 0.74
C ALA A 147 3.49 -17.07 1.23
N VAL A 148 3.46 -16.25 2.27
CA VAL A 148 2.21 -15.72 2.84
C VAL A 148 1.42 -14.97 1.77
N LEU A 149 2.10 -14.06 1.07
CA LEU A 149 1.46 -13.28 0.01
C LEU A 149 0.91 -14.14 -1.12
N ALA A 150 1.63 -15.20 -1.49
CA ALA A 150 1.15 -16.11 -2.53
C ALA A 150 -0.21 -16.69 -2.15
N HIS A 151 -0.33 -17.11 -0.89
CA HIS A 151 -1.59 -17.67 -0.41
C HIS A 151 -2.71 -16.65 -0.38
N MET A 152 -2.39 -15.42 0.03
CA MET A 152 -3.37 -14.35 0.04
C MET A 152 -3.86 -14.03 -1.37
N GLU A 153 -2.94 -13.92 -2.31
CA GLU A 153 -3.30 -13.63 -3.70
C GLU A 153 -4.19 -14.74 -4.27
N ALA A 154 -3.86 -15.99 -4.00
CA ALA A 154 -4.60 -17.12 -4.57
C ALA A 154 -5.97 -17.30 -3.91
N THR A 155 -6.14 -16.73 -2.73
CA THR A 155 -7.38 -16.89 -1.97
C THR A 155 -8.48 -15.93 -2.45
N GLY A 156 -8.14 -14.66 -2.55
CA GLY A 156 -9.09 -13.65 -3.01
C GLY A 156 -10.09 -13.25 -1.95
N VAL A 157 -10.99 -12.34 -2.30
CA VAL A 157 -12.02 -11.87 -1.37
C VAL A 157 -13.36 -11.85 -2.09
N ARG A 158 -14.43 -12.15 -1.35
CA ARG A 158 -15.77 -12.20 -1.91
C ARG A 158 -16.32 -10.79 -2.10
N LEU A 159 -17.07 -10.60 -3.17
CA LEU A 159 -17.64 -9.29 -3.49
C LEU A 159 -19.11 -9.44 -3.83
N ASP A 160 -19.95 -8.56 -3.30
CA ASP A 160 -21.37 -8.58 -3.63
C ASP A 160 -21.58 -7.89 -4.98
N VAL A 161 -21.47 -8.67 -6.04
CA VAL A 161 -21.54 -8.18 -7.40
C VAL A 161 -22.92 -7.62 -7.76
N ALA A 162 -23.97 -8.36 -7.41
CA ALA A 162 -25.34 -7.94 -7.69
C ALA A 162 -25.62 -6.54 -7.12
N TYR A 163 -25.19 -6.34 -5.87
CA TYR A 163 -25.31 -5.07 -5.17
C TYR A 163 -24.62 -3.94 -5.91
N LEU A 164 -23.38 -4.17 -6.31
CA LEU A 164 -22.63 -3.16 -7.07
C LEU A 164 -23.27 -2.83 -8.42
N ARG A 165 -23.78 -3.84 -9.12
CA ARG A 165 -24.49 -3.60 -10.38
C ARG A 165 -25.67 -2.65 -10.15
N ALA A 166 -26.45 -2.94 -9.13
CA ALA A 166 -27.60 -2.09 -8.77
C ALA A 166 -27.14 -0.68 -8.43
N LEU A 167 -26.06 -0.60 -7.66
CA LEU A 167 -25.54 0.69 -7.21
C LEU A 167 -25.11 1.56 -8.39
N SER A 168 -24.47 0.94 -9.39
CA SER A 168 -24.06 1.63 -10.60
C SER A 168 -25.21 2.40 -11.26
N LEU A 169 -26.37 1.76 -11.36
CA LEU A 169 -27.54 2.40 -11.97
C LEU A 169 -27.98 3.62 -11.18
N GLU A 170 -28.03 3.50 -9.86
CA GLU A 170 -28.41 4.62 -8.99
C GLU A 170 -27.43 5.78 -9.13
N VAL A 171 -26.13 5.46 -9.15
CA VAL A 171 -25.12 6.50 -9.23
C VAL A 171 -25.13 7.18 -10.60
N ALA A 172 -25.41 6.40 -11.65
CA ALA A 172 -25.54 6.94 -12.99
C ALA A 172 -26.62 8.03 -13.09
N GLU A 173 -27.77 7.78 -12.47
CA GLU A 173 -28.86 8.76 -12.51
C GLU A 173 -28.47 10.07 -11.82
N GLU A 174 -27.79 9.95 -10.68
CA GLU A 174 -27.34 11.14 -9.96
C GLU A 174 -26.25 11.87 -10.71
N ILE A 175 -25.35 11.12 -11.35
CA ILE A 175 -24.32 11.74 -12.18
C ILE A 175 -24.98 12.55 -13.30
N ALA A 176 -26.03 11.98 -13.91
CA ALA A 176 -26.76 12.68 -14.96
C ALA A 176 -27.36 13.99 -14.46
N ARG A 177 -27.90 13.98 -13.24
CA ARG A 177 -28.47 15.19 -12.66
C ARG A 177 -27.40 16.27 -12.50
N LEU A 178 -26.27 15.87 -11.93
CA LEU A 178 -25.16 16.80 -11.71
C LEU A 178 -24.60 17.37 -13.01
N GLU A 179 -24.36 16.52 -14.00
CA GLU A 179 -23.74 17.00 -15.25
C GLU A 179 -24.67 17.96 -15.99
N ALA A 180 -25.97 17.66 -15.99
CA ALA A 180 -26.95 18.51 -16.63
C ALA A 180 -27.00 19.89 -15.98
N GLU A 181 -26.95 19.90 -14.64
CA GLU A 181 -26.90 21.14 -13.90
C GLU A 181 -25.63 21.93 -14.22
N VAL A 182 -24.50 21.23 -14.26
CA VAL A 182 -23.24 21.87 -14.58
C VAL A 182 -23.29 22.50 -15.98
N PHE A 183 -23.85 21.77 -16.93
CA PHE A 183 -23.97 22.29 -18.30
C PHE A 183 -24.89 23.50 -18.38
N ARG A 184 -26.00 23.46 -17.64
CA ARG A 184 -26.90 24.60 -17.58
C ARG A 184 -26.18 25.83 -17.06
N LEU A 185 -25.42 25.64 -15.97
CA LEU A 185 -24.71 26.74 -15.33
C LEU A 185 -23.59 27.28 -16.21
N ALA A 186 -23.01 26.40 -17.01
CA ALA A 186 -21.98 26.82 -17.96
C ALA A 186 -22.61 27.52 -19.16
N GLY A 187 -23.88 27.22 -19.40
CA GLY A 187 -24.59 27.78 -20.54
C GLY A 187 -24.48 26.92 -21.78
N HIS A 188 -23.77 25.80 -21.64
CA HIS A 188 -23.51 24.89 -22.77
C HIS A 188 -22.85 23.60 -22.29
N PRO A 189 -23.11 22.49 -23.01
CA PRO A 189 -22.44 21.23 -22.69
C PRO A 189 -20.99 21.20 -23.17
N PHE A 190 -20.17 20.41 -22.48
CA PHE A 190 -18.81 20.15 -22.87
C PHE A 190 -18.44 18.82 -22.22
N ASN A 191 -17.21 18.33 -22.42
CA ASN A 191 -16.81 17.10 -21.75
C ASN A 191 -16.37 17.41 -20.33
N LEU A 192 -17.25 17.14 -19.37
CA LEU A 192 -16.98 17.46 -17.98
C LEU A 192 -15.87 16.57 -17.41
N ASN A 193 -15.57 15.47 -18.08
CA ASN A 193 -14.45 14.62 -17.71
C ASN A 193 -13.11 15.20 -18.14
N SER A 194 -13.15 16.25 -18.97
CA SER A 194 -11.94 16.89 -19.44
C SER A 194 -11.61 18.09 -18.57
N ARG A 195 -10.52 18.00 -17.80
CA ARG A 195 -10.13 19.11 -16.94
C ARG A 195 -9.65 20.30 -17.78
N ASP A 196 -9.23 20.05 -19.02
CA ASP A 196 -8.82 21.13 -19.91
C ASP A 196 -10.02 21.96 -20.35
N GLN A 197 -11.10 21.27 -20.70
CA GLN A 197 -12.33 21.96 -21.08
C GLN A 197 -12.92 22.69 -19.88
N LEU A 198 -12.91 22.04 -18.72
CA LEU A 198 -13.43 22.64 -17.49
C LEU A 198 -12.66 23.89 -17.05
N GLU A 199 -11.34 23.87 -17.24
CA GLU A 199 -10.50 25.02 -16.90
C GLU A 199 -10.94 26.25 -17.68
N ARG A 200 -11.22 26.06 -18.95
CA ARG A 200 -11.62 27.17 -19.80
C ARG A 200 -12.99 27.71 -19.40
N VAL A 201 -13.88 26.81 -19.02
CA VAL A 201 -15.22 27.21 -18.59
C VAL A 201 -15.17 28.03 -17.30
N LEU A 202 -14.42 27.53 -16.33
CA LEU A 202 -14.35 28.17 -15.01
C LEU A 202 -13.63 29.51 -15.07
N PHE A 203 -12.46 29.52 -15.70
CA PHE A 203 -11.56 30.65 -15.57
C PHE A 203 -11.63 31.64 -16.73
N ASP A 204 -12.07 31.18 -17.90
CA ASP A 204 -12.19 32.05 -19.07
C ASP A 204 -13.64 32.49 -19.31
N GLU A 205 -14.57 31.54 -19.27
CA GLU A 205 -15.97 31.83 -19.58
C GLU A 205 -16.71 32.42 -18.40
N LEU A 206 -16.62 31.75 -17.26
CA LEU A 206 -17.16 32.30 -16.02
C LEU A 206 -16.09 33.22 -15.45
N GLY A 207 -16.42 33.97 -14.41
CA GLY A 207 -15.52 35.02 -13.95
C GLY A 207 -14.42 34.56 -13.00
N LEU A 208 -14.41 33.26 -12.70
CA LEU A 208 -13.66 32.73 -11.56
C LEU A 208 -12.14 32.96 -11.60
N PRO A 209 -11.57 33.34 -10.45
CA PRO A 209 -10.14 33.56 -10.31
C PRO A 209 -9.38 32.24 -10.22
N ALA A 210 -8.32 32.11 -11.01
CA ALA A 210 -7.43 30.97 -10.88
C ALA A 210 -6.68 31.09 -9.55
N ILE A 211 -6.47 29.97 -8.87
CA ILE A 211 -5.81 30.00 -7.57
C ILE A 211 -4.45 29.31 -7.63
N GLY A 212 -4.37 28.21 -8.35
CA GLY A 212 -3.13 27.46 -8.45
C GLY A 212 -2.85 26.90 -9.83
N LYS A 213 -1.63 26.44 -10.03
CA LYS A 213 -1.17 25.92 -11.31
C LYS A 213 -0.76 24.46 -11.19
N THR A 214 -0.85 23.74 -12.29
CA THR A 214 -0.50 22.32 -12.28
C THR A 214 1.00 22.14 -12.42
N GLU A 215 1.50 20.98 -12.00
CA GLU A 215 2.94 20.78 -11.83
C GLU A 215 3.75 20.78 -13.13
N LYS A 216 3.40 19.89 -14.06
CA LYS A 216 4.23 19.63 -15.24
C LYS A 216 4.02 20.61 -16.39
N THR A 217 2.78 21.05 -16.59
CA THR A 217 2.45 21.89 -17.75
C THR A 217 1.94 23.28 -17.38
N GLY A 218 1.81 23.55 -16.09
CA GLY A 218 1.44 24.88 -15.63
C GLY A 218 0.10 25.40 -16.10
N LYS A 219 -0.87 24.51 -16.24
CA LYS A 219 -2.23 24.92 -16.53
C LYS A 219 -2.87 25.41 -15.24
N ARG A 220 -3.97 26.14 -15.36
CA ARG A 220 -4.71 26.59 -14.18
C ARG A 220 -5.41 25.38 -13.57
N SER A 221 -5.07 25.06 -12.33
CA SER A 221 -5.57 23.84 -11.69
C SER A 221 -7.07 23.88 -11.41
N THR A 222 -7.71 22.72 -11.55
CA THR A 222 -9.11 22.56 -11.17
C THR A 222 -9.24 21.50 -10.09
N SER A 223 -8.16 21.33 -9.32
CA SER A 223 -8.11 20.30 -8.27
C SER A 223 -9.13 20.59 -7.18
N ALA A 224 -9.40 19.57 -6.36
CA ALA A 224 -10.36 19.69 -5.26
C ALA A 224 -10.03 20.83 -4.31
N ALA A 225 -8.74 21.03 -4.06
CA ALA A 225 -8.32 22.10 -3.16
C ALA A 225 -8.67 23.46 -3.73
N VAL A 226 -8.50 23.62 -5.04
CA VAL A 226 -8.85 24.86 -5.72
C VAL A 226 -10.36 25.08 -5.73
N LEU A 227 -11.12 24.02 -6.00
CA LEU A 227 -12.58 24.13 -6.04
C LEU A 227 -13.17 24.40 -4.66
N GLU A 228 -12.59 23.80 -3.63
CA GLU A 228 -13.01 24.06 -2.26
C GLU A 228 -12.93 25.56 -1.94
N ALA A 229 -11.82 26.17 -2.35
CA ALA A 229 -11.60 27.59 -2.10
C ALA A 229 -12.55 28.47 -2.92
N LEU A 230 -13.10 27.91 -3.99
CA LEU A 230 -14.01 28.66 -4.87
C LEU A 230 -15.48 28.29 -4.65
N ARG A 231 -15.77 27.59 -3.57
CA ARG A 231 -17.13 27.10 -3.30
C ARG A 231 -18.21 28.18 -3.27
N GLU A 232 -17.89 29.34 -2.72
CA GLU A 232 -18.87 30.40 -2.57
C GLU A 232 -18.91 31.38 -3.74
N ALA A 233 -17.99 31.21 -4.69
CA ALA A 233 -17.87 32.15 -5.80
C ALA A 233 -18.91 31.92 -6.89
N HIS A 234 -19.37 30.68 -7.02
CA HIS A 234 -20.30 30.32 -8.08
C HIS A 234 -20.95 28.97 -7.81
N PRO A 235 -22.26 28.84 -8.10
CA PRO A 235 -22.98 27.60 -7.82
C PRO A 235 -22.42 26.39 -8.56
N ILE A 236 -21.74 26.60 -9.67
CA ILE A 236 -21.24 25.50 -10.47
C ILE A 236 -20.16 24.69 -9.75
N VAL A 237 -19.46 25.34 -8.82
CA VAL A 237 -18.31 24.71 -8.16
C VAL A 237 -18.72 23.49 -7.33
N GLU A 238 -19.70 23.65 -6.45
CA GLU A 238 -20.14 22.54 -5.61
C GLU A 238 -20.67 21.39 -6.49
N LYS A 239 -21.33 21.74 -7.58
CA LYS A 239 -21.84 20.73 -8.51
C LYS A 239 -20.71 19.93 -9.13
N ILE A 240 -19.61 20.61 -9.46
CA ILE A 240 -18.44 19.95 -10.02
C ILE A 240 -17.80 19.01 -9.00
N LEU A 241 -17.67 19.49 -7.77
CA LEU A 241 -17.12 18.67 -6.69
C LEU A 241 -17.93 17.38 -6.49
N GLN A 242 -19.25 17.49 -6.52
CA GLN A 242 -20.11 16.33 -6.35
C GLN A 242 -19.98 15.37 -7.55
N TYR A 243 -19.91 15.94 -8.75
CA TYR A 243 -19.74 15.15 -9.97
C TYR A 243 -18.44 14.35 -9.92
N ARG A 244 -17.39 15.02 -9.45
CA ARG A 244 -16.06 14.42 -9.35
C ARG A 244 -16.06 13.23 -8.39
N GLU A 245 -16.70 13.38 -7.24
CA GLU A 245 -16.72 12.32 -6.25
C GLU A 245 -17.43 11.10 -6.82
N LEU A 246 -18.59 11.33 -7.42
CA LEU A 246 -19.39 10.24 -7.92
C LEU A 246 -18.74 9.53 -9.11
N THR A 247 -18.23 10.29 -10.07
CA THR A 247 -17.61 9.69 -11.25
C THR A 247 -16.31 8.96 -10.89
N LYS A 248 -15.57 9.49 -9.93
CA LYS A 248 -14.35 8.84 -9.46
C LYS A 248 -14.69 7.44 -8.92
N LEU A 249 -15.70 7.39 -8.06
CA LEU A 249 -16.07 6.13 -7.41
C LEU A 249 -16.68 5.14 -8.39
N LYS A 250 -17.50 5.64 -9.31
CA LYS A 250 -18.14 4.76 -10.30
C LYS A 250 -17.10 4.20 -11.27
N SER A 251 -16.27 5.07 -11.83
CA SER A 251 -15.32 4.66 -12.85
C SER A 251 -14.20 3.79 -12.31
N THR A 252 -13.85 3.97 -11.05
CA THR A 252 -12.69 3.29 -10.49
C THR A 252 -13.07 2.00 -9.73
N TYR A 253 -14.22 2.00 -9.08
CA TYR A 253 -14.62 0.87 -8.24
C TYR A 253 -15.92 0.19 -8.66
N ILE A 254 -17.02 0.95 -8.69
CA ILE A 254 -18.33 0.36 -8.86
C ILE A 254 -18.44 -0.41 -10.17
N ASP A 255 -17.94 0.18 -11.25
CA ASP A 255 -18.03 -0.45 -12.57
C ASP A 255 -16.97 -1.53 -12.88
N PRO A 256 -15.67 -1.25 -12.61
CA PRO A 256 -14.64 -2.24 -12.95
C PRO A 256 -14.65 -3.52 -12.11
N LEU A 257 -14.81 -3.38 -10.80
CA LEU A 257 -14.64 -4.53 -9.89
C LEU A 257 -15.53 -5.76 -10.17
N PRO A 258 -16.83 -5.55 -10.41
CA PRO A 258 -17.65 -6.75 -10.70
C PRO A 258 -17.20 -7.53 -11.94
N ASP A 259 -16.52 -6.86 -12.85
CA ASP A 259 -16.04 -7.50 -14.07
C ASP A 259 -14.79 -8.36 -13.82
N LEU A 260 -14.22 -8.25 -12.62
CA LEU A 260 -12.95 -8.89 -12.32
C LEU A 260 -13.07 -10.13 -11.44
N ILE A 261 -14.30 -10.57 -11.19
CA ILE A 261 -14.50 -11.79 -10.40
C ILE A 261 -13.96 -12.99 -11.16
N HIS A 262 -13.13 -13.78 -10.50
CA HIS A 262 -12.51 -14.93 -11.16
C HIS A 262 -13.51 -16.06 -11.34
N PRO A 263 -13.64 -16.56 -12.58
CA PRO A 263 -14.61 -17.60 -12.94
C PRO A 263 -14.51 -18.88 -12.12
N ARG A 264 -13.31 -19.27 -11.72
CA ARG A 264 -13.13 -20.49 -10.94
C ARG A 264 -13.41 -20.28 -9.46
N THR A 265 -12.87 -19.20 -8.90
CA THR A 265 -12.94 -18.97 -7.46
C THR A 265 -14.20 -18.21 -7.05
N GLY A 266 -14.73 -17.42 -7.98
CA GLY A 266 -15.87 -16.58 -7.68
C GLY A 266 -15.48 -15.47 -6.72
N ARG A 267 -14.19 -15.18 -6.65
CA ARG A 267 -13.71 -14.10 -5.79
C ARG A 267 -12.83 -13.12 -6.57
N LEU A 268 -12.50 -12.02 -5.91
CA LEU A 268 -11.69 -10.94 -6.49
C LEU A 268 -10.25 -11.10 -6.00
N HIS A 269 -9.29 -11.19 -6.92
CA HIS A 269 -7.89 -11.44 -6.56
C HIS A 269 -6.94 -10.30 -6.91
N THR A 270 -6.23 -9.77 -5.91
CA THR A 270 -5.26 -8.70 -6.14
C THR A 270 -3.84 -9.25 -6.22
N ARG A 271 -2.89 -8.37 -6.55
CA ARG A 271 -1.47 -8.72 -6.50
C ARG A 271 -0.83 -7.93 -5.37
N PHE A 272 -0.12 -8.60 -4.48
CA PHE A 272 0.63 -7.90 -3.45
C PHE A 272 2.10 -7.80 -3.84
N ASN A 273 2.48 -6.62 -4.33
CA ASN A 273 3.81 -6.39 -4.88
C ASN A 273 4.82 -6.13 -3.77
N GLN A 274 5.86 -6.95 -3.75
CA GLN A 274 6.81 -6.95 -2.63
C GLN A 274 8.01 -6.04 -2.89
N THR A 275 8.27 -5.72 -4.16
CA THR A 275 9.40 -4.87 -4.49
C THR A 275 8.95 -3.65 -5.27
N ALA A 276 8.09 -2.84 -4.66
CA ALA A 276 7.43 -1.76 -5.40
C ALA A 276 7.55 -0.37 -4.79
N THR A 277 7.91 -0.28 -3.51
CA THR A 277 7.93 1.01 -2.82
C THR A 277 9.31 1.38 -2.30
N ALA A 278 9.53 2.67 -2.10
CA ALA A 278 10.80 3.19 -1.60
C ALA A 278 11.01 2.98 -0.10
N THR A 279 9.95 2.61 0.63
CA THR A 279 10.03 2.59 2.08
C THR A 279 9.94 1.18 2.67
N GLY A 280 9.56 0.20 1.87
CA GLY A 280 9.37 -1.15 2.38
C GLY A 280 7.91 -1.54 2.54
N ARG A 281 7.00 -0.61 2.27
CA ARG A 281 5.58 -0.94 2.21
C ARG A 281 5.33 -1.91 1.05
N LEU A 282 4.27 -2.70 1.16
CA LEU A 282 3.76 -3.43 0.00
C LEU A 282 3.00 -2.45 -0.86
N SER A 283 2.73 -2.83 -2.10
CA SER A 283 1.65 -2.18 -2.86
C SER A 283 0.72 -3.27 -3.35
N SER A 284 -0.45 -2.86 -3.82
CA SER A 284 -1.47 -3.78 -4.29
C SER A 284 -1.91 -3.34 -5.68
N SER A 285 -2.07 -4.28 -6.60
CA SER A 285 -2.49 -3.89 -7.94
C SER A 285 -3.28 -4.96 -8.69
N ASP A 286 -4.00 -4.49 -9.70
CA ASP A 286 -4.71 -5.35 -10.65
C ASP A 286 -5.77 -6.28 -10.04
N PRO A 287 -6.74 -5.73 -9.29
CA PRO A 287 -6.94 -4.31 -8.96
C PRO A 287 -6.25 -3.99 -7.63
N ASN A 288 -6.02 -2.71 -7.41
CA ASN A 288 -5.49 -2.27 -6.12
C ASN A 288 -6.59 -2.36 -5.07
N LEU A 289 -6.37 -3.19 -4.05
CA LEU A 289 -7.36 -3.37 -3.01
C LEU A 289 -6.94 -2.65 -1.72
N GLN A 290 -5.89 -1.86 -1.82
CA GLN A 290 -5.45 -1.06 -0.68
C GLN A 290 -5.98 0.38 -0.73
N ASN A 291 -6.80 0.69 -1.73
CA ASN A 291 -7.44 2.00 -1.77
C ASN A 291 -8.96 1.95 -1.97
N ILE A 292 -9.60 0.91 -1.46
CA ILE A 292 -11.06 0.83 -1.48
C ILE A 292 -11.63 1.97 -0.64
N PRO A 293 -12.64 2.69 -1.17
CA PRO A 293 -13.19 3.88 -0.49
C PRO A 293 -13.74 3.59 0.89
N VAL A 294 -13.74 4.62 1.74
CA VAL A 294 -14.28 4.47 3.10
C VAL A 294 -14.69 5.82 3.73
N ARG A 295 -14.19 6.93 3.20
CA ARG A 295 -14.40 8.25 3.81
C ARG A 295 -15.83 8.80 3.66
N THR A 296 -16.38 8.74 2.45
CA THR A 296 -17.69 9.36 2.19
C THR A 296 -18.83 8.34 2.30
N PRO A 297 -20.09 8.84 2.35
CA PRO A 297 -21.22 7.91 2.38
C PRO A 297 -21.22 6.90 1.23
N LEU A 298 -21.05 7.37 -0.01
CA LEU A 298 -20.98 6.46 -1.16
C LEU A 298 -19.77 5.53 -1.07
N GLY A 299 -18.65 6.06 -0.60
CA GLY A 299 -17.46 5.24 -0.41
C GLY A 299 -17.73 4.10 0.56
N GLN A 300 -18.44 4.40 1.63
CA GLN A 300 -18.76 3.38 2.63
C GLN A 300 -19.68 2.32 2.03
N ARG A 301 -20.62 2.74 1.18
CA ARG A 301 -21.51 1.80 0.51
C ARG A 301 -20.75 0.84 -0.39
N ILE A 302 -19.65 1.31 -0.96
CA ILE A 302 -18.80 0.47 -1.81
C ILE A 302 -17.99 -0.52 -0.96
N ARG A 303 -17.40 -0.01 0.11
CA ARG A 303 -16.63 -0.87 1.00
C ARG A 303 -17.49 -2.01 1.55
N ARG A 304 -18.77 -1.75 1.74
CA ARG A 304 -19.69 -2.78 2.23
C ARG A 304 -19.88 -3.94 1.25
N ALA A 305 -19.43 -3.76 0.00
CA ALA A 305 -19.57 -4.82 -0.99
C ALA A 305 -18.55 -5.95 -0.76
N PHE A 306 -17.53 -5.67 0.04
CA PHE A 306 -16.51 -6.66 0.37
C PHE A 306 -16.99 -7.50 1.55
N ILE A 307 -17.36 -8.74 1.28
CA ILE A 307 -18.09 -9.53 2.26
C ILE A 307 -17.42 -10.87 2.58
N ALA A 308 -17.79 -11.43 3.73
CA ALA A 308 -17.30 -12.74 4.12
C ALA A 308 -18.06 -13.83 3.36
N GLU A 309 -17.40 -14.95 3.13
CA GLU A 309 -18.08 -16.12 2.58
C GLU A 309 -19.19 -16.54 3.54
N GLU A 310 -20.25 -17.12 2.99
CA GLU A 310 -21.35 -17.62 3.80
C GLU A 310 -20.81 -18.59 4.85
N GLY A 311 -21.18 -18.36 6.11
CA GLY A 311 -20.74 -19.21 7.20
C GLY A 311 -19.46 -18.70 7.84
N TRP A 312 -18.93 -17.61 7.29
CA TRP A 312 -17.67 -17.02 7.75
C TRP A 312 -17.88 -15.56 8.16
N LEU A 313 -16.88 -14.98 8.80
CA LEU A 313 -16.89 -13.57 9.15
C LEU A 313 -15.55 -12.94 8.79
N LEU A 314 -15.57 -11.65 8.45
CA LEU A 314 -14.33 -10.92 8.28
C LEU A 314 -13.84 -10.46 9.64
N VAL A 315 -12.53 -10.49 9.84
CA VAL A 315 -11.93 -9.90 11.01
C VAL A 315 -10.95 -8.83 10.54
N ALA A 316 -11.12 -7.61 11.02
CA ALA A 316 -10.24 -6.51 10.63
C ALA A 316 -9.42 -6.04 11.83
N LEU A 317 -8.11 -5.96 11.64
CA LEU A 317 -7.20 -5.53 12.70
C LEU A 317 -6.33 -4.37 12.21
N ASP A 318 -6.20 -3.34 13.02
CA ASP A 318 -5.54 -2.11 12.60
C ASP A 318 -4.68 -1.56 13.75
N TYR A 319 -3.37 -1.39 13.52
CA TYR A 319 -2.50 -0.79 14.52
C TYR A 319 -2.91 0.64 14.83
N SER A 320 -2.99 0.97 16.11
CA SER A 320 -3.39 2.30 16.55
C SER A 320 -2.23 3.30 16.49
N GLN A 321 -2.45 4.45 15.84
CA GLN A 321 -1.48 5.54 15.78
C GLN A 321 -0.07 5.03 15.47
N ILE A 322 0.04 4.12 14.51
CA ILE A 322 1.26 3.33 14.37
C ILE A 322 2.54 4.13 14.12
N GLU A 323 2.52 5.08 13.19
CA GLU A 323 3.73 5.82 12.91
C GLU A 323 4.15 6.73 14.05
N LEU A 324 3.18 7.22 14.83
CA LEU A 324 3.49 8.05 15.99
C LEU A 324 4.19 7.21 17.06
N ARG A 325 3.70 6.00 17.29
CA ARG A 325 4.34 5.09 18.23
C ARG A 325 5.76 4.77 17.78
N VAL A 326 5.91 4.48 16.50
CA VAL A 326 7.23 4.18 15.94
C VAL A 326 8.18 5.36 16.11
N LEU A 327 7.66 6.57 15.89
CA LEU A 327 8.49 7.77 16.03
C LEU A 327 8.96 7.93 17.47
N ALA A 328 8.07 7.62 18.41
CA ALA A 328 8.42 7.66 19.83
C ALA A 328 9.62 6.77 20.11
N HIS A 329 9.58 5.55 19.56
CA HIS A 329 10.65 4.58 19.74
C HIS A 329 11.95 5.05 19.08
N LEU A 330 11.86 5.50 17.84
CA LEU A 330 13.04 5.91 17.08
C LEU A 330 13.71 7.14 17.66
N SER A 331 12.91 8.08 18.14
CA SER A 331 13.43 9.36 18.62
C SER A 331 13.86 9.25 20.07
N GLY A 332 13.15 8.40 20.82
CA GLY A 332 13.40 8.27 22.25
C GLY A 332 12.90 9.48 23.03
N ASP A 333 11.96 10.22 22.45
CA ASP A 333 11.39 11.37 23.15
C ASP A 333 10.58 10.92 24.35
N GLU A 334 10.98 11.38 25.53
CA GLU A 334 10.32 11.00 26.77
C GLU A 334 8.85 11.43 26.79
N ASN A 335 8.59 12.66 26.39
CA ASN A 335 7.23 13.21 26.34
C ASN A 335 6.28 12.38 25.47
N LEU A 336 6.74 11.98 24.29
CA LEU A 336 5.93 11.21 23.37
C LEU A 336 5.74 9.78 23.89
N ILE A 337 6.83 9.18 24.36
CA ILE A 337 6.75 7.88 25.00
C ILE A 337 5.74 7.90 26.16
N ARG A 338 5.80 8.97 26.96
CA ARG A 338 4.90 9.12 28.10
C ARG A 338 3.43 9.21 27.67
N VAL A 339 3.17 9.88 26.55
CA VAL A 339 1.82 9.98 25.99
C VAL A 339 1.21 8.60 25.78
N PHE A 340 1.98 7.69 25.20
CA PHE A 340 1.49 6.35 24.90
C PHE A 340 1.45 5.43 26.12
N GLN A 341 2.35 5.65 27.07
CA GLN A 341 2.32 4.91 28.33
C GLN A 341 1.07 5.30 29.14
N GLU A 342 0.55 6.49 28.89
CA GLU A 342 -0.63 6.98 29.59
C GLU A 342 -1.93 6.69 28.83
N GLY A 343 -1.82 5.94 27.73
CA GLY A 343 -2.99 5.55 26.96
C GLY A 343 -3.76 6.70 26.31
N ARG A 344 -3.03 7.75 25.90
CA ARG A 344 -3.65 8.90 25.25
C ARG A 344 -3.78 8.70 23.74
N ASP A 345 -4.60 9.55 23.10
CA ASP A 345 -4.83 9.49 21.66
C ASP A 345 -4.57 10.86 21.05
N ILE A 346 -3.50 10.97 20.28
CA ILE A 346 -3.09 12.25 19.71
C ILE A 346 -4.03 12.71 18.59
N HIS A 347 -4.58 11.75 17.85
CA HIS A 347 -5.54 12.04 16.79
C HIS A 347 -6.82 12.65 17.37
N THR A 348 -7.32 12.05 18.45
CA THR A 348 -8.52 12.56 19.11
C THR A 348 -8.27 13.93 19.70
N GLU A 349 -7.11 14.12 20.32
CA GLU A 349 -6.75 15.39 20.93
C GLU A 349 -6.65 16.51 19.90
N THR A 350 -5.99 16.25 18.77
CA THR A 350 -5.91 17.23 17.69
C THR A 350 -7.33 17.56 17.18
N ALA A 351 -8.16 16.52 17.06
CA ALA A 351 -9.52 16.68 16.55
C ALA A 351 -10.37 17.55 17.46
N SER A 352 -10.23 17.36 18.77
CA SER A 352 -10.97 18.14 19.74
C SER A 352 -10.59 19.62 19.60
N TRP A 353 -9.31 19.86 19.35
CA TRP A 353 -8.82 21.21 19.13
C TRP A 353 -9.32 21.78 17.82
N MET A 354 -9.23 20.97 16.76
CA MET A 354 -9.64 21.38 15.42
C MET A 354 -11.07 21.88 15.36
N PHE A 355 -11.99 21.07 15.85
CA PHE A 355 -13.41 21.38 15.74
C PHE A 355 -13.94 22.12 16.98
N GLY A 356 -13.03 22.39 17.92
CA GLY A 356 -13.37 23.16 19.10
C GLY A 356 -14.44 22.52 19.96
N VAL A 357 -14.28 21.21 20.22
CA VAL A 357 -15.21 20.48 21.05
C VAL A 357 -14.44 19.63 22.06
N PRO A 358 -15.09 19.22 23.15
CA PRO A 358 -14.42 18.31 24.10
C PRO A 358 -14.02 16.99 23.44
N ARG A 359 -13.06 16.30 24.04
CA ARG A 359 -12.53 15.06 23.47
C ARG A 359 -13.60 13.99 23.28
N GLU A 360 -14.62 14.02 24.13
CA GLU A 360 -15.70 13.04 24.05
C GLU A 360 -16.63 13.32 22.86
N ALA A 361 -16.64 14.57 22.40
CA ALA A 361 -17.52 14.98 21.31
C ALA A 361 -16.95 14.64 19.94
N VAL A 362 -15.68 14.21 19.91
CA VAL A 362 -15.03 13.87 18.65
C VAL A 362 -15.60 12.59 18.05
N ASP A 363 -16.19 12.71 16.85
CA ASP A 363 -16.69 11.55 16.12
C ASP A 363 -15.56 10.95 15.26
N PRO A 364 -15.75 9.74 14.73
CA PRO A 364 -14.73 9.15 13.86
C PRO A 364 -14.30 10.04 12.69
N LEU A 365 -15.25 10.66 12.00
CA LEU A 365 -14.93 11.50 10.85
C LEU A 365 -14.09 12.71 11.23
N MET A 366 -14.29 13.22 12.45
CA MET A 366 -13.48 14.31 12.98
C MET A 366 -12.05 13.82 13.22
N ARG A 367 -11.95 12.66 13.86
CA ARG A 367 -10.66 12.07 14.17
C ARG A 367 -9.88 11.77 12.90
N ARG A 368 -10.56 11.23 11.89
CA ARG A 368 -9.94 10.94 10.60
C ARG A 368 -9.37 12.22 9.98
N ALA A 369 -10.13 13.30 10.07
CA ALA A 369 -9.68 14.60 9.57
C ALA A 369 -8.39 15.01 10.28
N ALA A 370 -8.35 14.74 11.59
CA ALA A 370 -7.20 15.08 12.41
C ALA A 370 -5.95 14.25 12.09
N LYS A 371 -6.15 13.06 11.52
CA LYS A 371 -5.04 12.20 11.15
C LYS A 371 -4.18 12.86 10.08
N THR A 372 -4.84 13.38 9.06
CA THR A 372 -4.14 14.04 7.96
C THR A 372 -3.35 15.23 8.48
N ILE A 373 -3.95 15.97 9.40
CA ILE A 373 -3.31 17.13 10.01
C ILE A 373 -2.08 16.72 10.84
N ASN A 374 -2.25 15.69 11.67
CA ASN A 374 -1.14 15.23 12.51
C ASN A 374 0.06 14.74 11.69
N PHE A 375 -0.18 13.90 10.70
CA PHE A 375 0.92 13.41 9.87
C PHE A 375 1.42 14.46 8.88
N GLY A 376 0.50 15.25 8.34
CA GLY A 376 0.88 16.35 7.47
C GLY A 376 1.88 17.27 8.15
N VAL A 377 1.55 17.74 9.34
CA VAL A 377 2.43 18.62 10.10
C VAL A 377 3.75 17.92 10.46
N LEU A 378 3.66 16.65 10.89
CA LEU A 378 4.85 15.89 11.27
C LEU A 378 5.85 15.84 10.11
N TYR A 379 5.35 15.61 8.91
CA TYR A 379 6.22 15.42 7.76
C TYR A 379 6.41 16.67 6.88
N GLY A 380 6.13 17.84 7.46
CA GLY A 380 6.53 19.09 6.84
C GLY A 380 5.48 19.92 6.13
N MET A 381 4.21 19.76 6.49
CA MET A 381 3.15 20.59 5.91
C MET A 381 3.43 22.07 6.17
N SER A 382 3.09 22.93 5.20
CA SER A 382 3.29 24.36 5.37
C SER A 382 2.12 25.00 6.12
N ALA A 383 2.39 26.08 6.83
CA ALA A 383 1.37 26.79 7.59
C ALA A 383 0.25 27.29 6.66
N HIS A 384 0.62 27.73 5.48
CA HIS A 384 -0.34 28.24 4.51
C HIS A 384 -1.39 27.18 4.16
N ARG A 385 -0.90 26.00 3.80
CA ARG A 385 -1.78 24.87 3.54
C ARG A 385 -2.58 24.53 4.79
N LEU A 386 -1.89 24.52 5.93
CA LEU A 386 -2.53 24.23 7.20
C LEU A 386 -3.66 25.21 7.50
N SER A 387 -3.37 26.50 7.36
CA SER A 387 -4.38 27.53 7.55
C SER A 387 -5.51 27.35 6.54
N GLN A 388 -5.14 26.98 5.33
CA GLN A 388 -6.10 26.83 4.24
C GLN A 388 -7.07 25.68 4.49
N GLU A 389 -6.53 24.51 4.81
CA GLU A 389 -7.35 23.32 5.00
C GLU A 389 -8.15 23.37 6.30
N LEU A 390 -7.72 24.22 7.22
CA LEU A 390 -8.43 24.39 8.49
C LEU A 390 -9.33 25.63 8.48
N ALA A 391 -9.20 26.43 7.42
CA ALA A 391 -9.95 27.68 7.30
C ALA A 391 -9.73 28.60 8.50
N ILE A 392 -8.55 28.51 9.10
CA ILE A 392 -8.16 29.38 10.19
C ILE A 392 -7.12 30.36 9.65
N PRO A 393 -6.94 31.50 10.33
CA PRO A 393 -5.92 32.46 9.88
C PRO A 393 -4.53 31.82 9.83
N TYR A 394 -3.64 32.37 8.99
CA TYR A 394 -2.28 31.85 8.85
C TYR A 394 -1.60 31.82 10.21
N GLU A 395 -1.86 32.85 11.00
CA GLU A 395 -1.27 33.01 12.32
C GLU A 395 -1.59 31.83 13.24
N GLU A 396 -2.83 31.34 13.16
CA GLU A 396 -3.25 30.18 13.96
C GLU A 396 -2.50 28.92 13.53
N ALA A 397 -2.41 28.71 12.22
CA ALA A 397 -1.73 27.54 11.65
C ALA A 397 -0.27 27.46 12.09
N GLN A 398 0.44 28.56 11.99
CA GLN A 398 1.83 28.62 12.45
C GLN A 398 1.94 28.24 13.92
N ALA A 399 1.02 28.77 14.73
CA ALA A 399 1.01 28.50 16.16
C ALA A 399 0.80 27.02 16.47
N PHE A 400 -0.07 26.36 15.72
CA PHE A 400 -0.30 24.93 15.93
C PHE A 400 0.98 24.14 15.66
N ILE A 401 1.69 24.52 14.61
CA ILE A 401 2.90 23.80 14.20
C ILE A 401 4.05 23.97 15.20
N GLU A 402 4.19 25.17 15.76
CA GLU A 402 5.24 25.41 16.74
C GLU A 402 4.99 24.61 18.02
N ARG A 403 3.73 24.50 18.43
CA ARG A 403 3.39 23.79 19.66
C ARG A 403 3.46 22.28 19.47
N TYR A 404 3.12 21.83 18.26
CA TYR A 404 3.22 20.43 17.89
C TYR A 404 4.62 19.90 18.15
N PHE A 405 5.63 20.66 17.76
CA PHE A 405 7.03 20.25 17.94
C PHE A 405 7.64 20.64 19.28
N GLN A 406 7.22 21.77 19.84
CA GLN A 406 7.78 22.20 21.12
C GLN A 406 7.35 21.27 22.23
N SER A 407 6.25 20.56 22.00
CA SER A 407 5.75 19.56 22.94
C SER A 407 6.65 18.31 22.95
N PHE A 408 7.23 17.98 21.80
CA PHE A 408 8.04 16.77 21.68
C PHE A 408 9.45 17.04 21.13
N PRO A 409 10.33 17.56 22.00
CA PRO A 409 11.68 18.08 21.69
C PRO A 409 12.61 17.12 20.94
N LYS A 410 12.69 15.86 21.34
CA LYS A 410 13.64 14.95 20.70
C LYS A 410 13.24 14.51 19.29
N VAL A 411 12.05 14.89 18.85
CA VAL A 411 11.62 14.53 17.51
C VAL A 411 12.40 15.31 16.46
N ARG A 412 12.47 16.64 16.62
CA ARG A 412 13.26 17.46 15.71
C ARG A 412 14.72 17.01 15.72
N ALA A 413 15.21 16.70 16.91
CA ALA A 413 16.58 16.22 17.07
C ALA A 413 16.79 14.92 16.30
N TRP A 414 15.84 14.01 16.39
CA TRP A 414 15.93 12.76 15.65
C TRP A 414 15.94 13.05 14.15
N ILE A 415 15.08 13.96 13.71
CA ILE A 415 15.03 14.36 12.31
C ILE A 415 16.37 14.89 11.82
N GLU A 416 16.92 15.85 12.55
CA GLU A 416 18.22 16.44 12.20
C GLU A 416 19.31 15.38 12.12
N LYS A 417 19.36 14.49 13.10
CA LYS A 417 20.36 13.42 13.12
C LYS A 417 20.18 12.48 11.93
N THR A 418 18.94 12.12 11.66
CA THR A 418 18.63 11.25 10.54
C THR A 418 19.11 11.86 9.21
N LEU A 419 18.81 13.14 9.01
CA LEU A 419 19.18 13.82 7.77
C LEU A 419 20.69 13.98 7.64
N GLU A 420 21.34 14.35 8.74
CA GLU A 420 22.79 14.49 8.77
C GLU A 420 23.44 13.16 8.40
N GLU A 421 22.91 12.08 8.95
CA GLU A 421 23.47 10.76 8.72
C GLU A 421 23.20 10.28 7.29
N GLY A 422 22.04 10.66 6.76
CA GLY A 422 21.69 10.36 5.38
C GLY A 422 22.61 11.07 4.40
N ARG A 423 23.03 12.27 4.76
CA ARG A 423 23.97 13.02 3.93
C ARG A 423 25.33 12.34 3.90
N ARG A 424 25.74 11.80 5.04
CA ARG A 424 27.05 11.17 5.19
C ARG A 424 27.12 9.83 4.47
N ARG A 425 26.13 8.97 4.73
CA ARG A 425 26.14 7.61 4.19
C ARG A 425 25.50 7.50 2.80
N GLY A 426 24.61 8.43 2.49
CA GLY A 426 23.91 8.39 1.21
C GLY A 426 22.57 7.67 1.31
N TYR A 427 22.26 7.13 2.48
CA TYR A 427 20.99 6.44 2.70
C TYR A 427 20.49 6.61 4.13
N VAL A 428 19.20 6.38 4.31
CA VAL A 428 18.61 6.33 5.64
C VAL A 428 18.12 4.90 5.84
N GLU A 429 17.71 4.57 7.05
CA GLU A 429 17.35 3.19 7.36
C GLU A 429 16.26 3.06 8.42
N THR A 430 15.51 1.97 8.34
CA THR A 430 14.51 1.64 9.34
C THR A 430 15.17 1.02 10.56
N LEU A 431 14.36 0.76 11.58
CA LEU A 431 14.81 0.13 12.82
C LEU A 431 15.55 -1.18 12.57
N PHE A 432 15.12 -1.91 11.56
CA PHE A 432 15.68 -3.22 11.25
C PHE A 432 16.77 -3.15 10.19
N GLY A 433 17.04 -1.95 9.70
CA GLY A 433 18.15 -1.74 8.77
C GLY A 433 17.79 -1.76 7.30
N ARG A 434 16.50 -1.75 6.97
CA ARG A 434 16.09 -1.58 5.58
C ARG A 434 16.56 -0.21 5.14
N ARG A 435 17.13 -0.10 3.95
CA ARG A 435 17.73 1.16 3.49
C ARG A 435 16.97 1.81 2.35
N ARG A 436 17.03 3.14 2.32
CA ARG A 436 16.61 3.90 1.15
C ARG A 436 17.69 4.92 0.80
N TYR A 437 18.18 4.88 -0.42
CA TYR A 437 19.17 5.85 -0.85
C TYR A 437 18.52 7.19 -1.21
N VAL A 438 19.07 8.27 -0.67
CA VAL A 438 18.54 9.61 -0.95
C VAL A 438 19.67 10.58 -1.33
N PRO A 439 20.15 10.48 -2.57
CA PRO A 439 21.26 11.32 -3.04
C PRO A 439 20.91 12.80 -3.06
N ASP A 440 19.62 13.13 -3.19
CA ASP A 440 19.22 14.53 -3.29
C ASP A 440 19.29 15.30 -1.97
N LEU A 441 19.71 14.63 -0.89
CA LEU A 441 19.97 15.31 0.37
C LEU A 441 21.10 16.33 0.25
N GLU A 442 21.94 16.14 -0.78
CA GLU A 442 23.05 17.06 -1.02
C GLU A 442 22.82 17.89 -2.28
N ALA A 443 21.57 17.94 -2.73
CA ALA A 443 21.22 18.81 -3.86
C ALA A 443 21.53 20.27 -3.49
N ARG A 444 21.94 21.04 -4.49
CA ARG A 444 22.26 22.46 -4.27
C ARG A 444 21.02 23.33 -4.43
N VAL A 445 19.99 22.76 -5.06
CA VAL A 445 18.71 23.43 -5.19
C VAL A 445 17.86 23.16 -3.95
N LYS A 446 17.45 24.22 -3.27
CA LYS A 446 16.74 24.13 -2.00
C LYS A 446 15.42 23.34 -2.03
N SER A 447 14.56 23.64 -2.99
CA SER A 447 13.27 22.96 -3.10
C SER A 447 13.44 21.46 -3.33
N VAL A 448 14.42 21.11 -4.15
CA VAL A 448 14.75 19.72 -4.43
C VAL A 448 15.33 19.05 -3.20
N ARG A 449 16.27 19.73 -2.56
CA ARG A 449 16.89 19.24 -1.34
C ARG A 449 15.86 19.05 -0.23
N GLU A 450 14.97 20.02 -0.06
CA GLU A 450 13.99 19.95 1.02
C GLU A 450 12.93 18.89 0.77
N ALA A 451 12.55 18.71 -0.49
CA ALA A 451 11.66 17.59 -0.84
C ALA A 451 12.33 16.28 -0.48
N ALA A 452 13.60 16.15 -0.82
CA ALA A 452 14.39 14.97 -0.48
C ALA A 452 14.44 14.74 1.02
N GLU A 453 14.61 15.81 1.79
CA GLU A 453 14.66 15.70 3.25
C GLU A 453 13.37 15.14 3.83
N ARG A 454 12.23 15.57 3.31
CA ARG A 454 10.94 15.07 3.77
C ARG A 454 10.81 13.58 3.43
N MET A 455 11.25 13.19 2.24
CA MET A 455 11.25 11.78 1.86
C MET A 455 12.15 10.99 2.81
N ALA A 456 13.32 11.54 3.09
CA ALA A 456 14.34 10.84 3.87
C ALA A 456 13.97 10.58 5.32
N PHE A 457 13.45 11.58 6.02
CA PHE A 457 13.13 11.33 7.43
C PHE A 457 11.79 10.62 7.61
N ASN A 458 10.94 10.65 6.59
CA ASN A 458 9.71 9.87 6.63
C ASN A 458 10.00 8.38 6.54
N MET A 459 10.95 8.00 5.71
CA MET A 459 11.21 6.59 5.40
C MET A 459 11.46 5.69 6.62
N PRO A 460 12.32 6.09 7.56
CA PRO A 460 12.52 5.22 8.72
C PRO A 460 11.24 4.98 9.50
N VAL A 461 10.35 5.97 9.52
CA VAL A 461 9.11 5.83 10.29
C VAL A 461 8.12 4.94 9.54
N GLN A 462 7.80 5.30 8.31
CA GLN A 462 6.89 4.50 7.49
C GLN A 462 7.45 3.11 7.27
N GLY A 463 8.75 3.03 7.00
CA GLY A 463 9.41 1.76 6.77
C GLY A 463 9.46 0.83 7.99
N THR A 464 9.66 1.41 9.17
CA THR A 464 9.69 0.59 10.39
C THR A 464 8.30 0.00 10.65
N ALA A 465 7.28 0.82 10.49
CA ALA A 465 5.90 0.36 10.61
C ALA A 465 5.64 -0.76 9.62
N ALA A 466 6.14 -0.58 8.39
CA ALA A 466 6.03 -1.61 7.36
C ALA A 466 6.72 -2.90 7.76
N ASP A 467 7.95 -2.80 8.26
CA ASP A 467 8.70 -3.97 8.73
C ASP A 467 7.93 -4.72 9.82
N LEU A 468 7.34 -3.96 10.74
CA LEU A 468 6.62 -4.56 11.86
C LEU A 468 5.41 -5.35 11.37
N MET A 469 4.67 -4.77 10.44
CA MET A 469 3.50 -5.43 9.88
C MET A 469 3.89 -6.70 9.14
N LYS A 470 4.95 -6.63 8.35
CA LYS A 470 5.44 -7.80 7.62
C LYS A 470 5.82 -8.93 8.57
N LEU A 471 6.54 -8.58 9.64
CA LEU A 471 6.96 -9.57 10.61
C LEU A 471 5.73 -10.20 11.26
N ALA A 472 4.72 -9.38 11.52
CA ALA A 472 3.49 -9.87 12.15
C ALA A 472 2.75 -10.83 11.22
N MET A 473 2.76 -10.54 9.93
CA MET A 473 2.10 -11.40 8.95
C MET A 473 2.81 -12.74 8.89
N VAL A 474 4.14 -12.70 8.94
CA VAL A 474 4.93 -13.93 8.90
C VAL A 474 4.68 -14.79 10.14
N LYS A 475 4.54 -14.17 11.29
CA LYS A 475 4.25 -14.90 12.53
C LYS A 475 2.81 -15.41 12.56
N LEU A 476 1.89 -14.59 12.10
CA LEU A 476 0.46 -14.88 12.22
C LEU A 476 0.00 -15.97 11.27
N PHE A 477 0.52 -15.95 10.04
CA PHE A 477 0.03 -16.86 9.00
C PHE A 477 -0.06 -18.35 9.40
N PRO A 478 1.02 -18.93 9.95
CA PRO A 478 0.89 -20.34 10.33
C PRO A 478 -0.15 -20.59 11.43
N ARG A 479 -0.33 -19.64 12.34
CA ARG A 479 -1.35 -19.80 13.39
C ARG A 479 -2.76 -19.86 12.76
N LEU A 480 -2.97 -19.07 11.72
CA LEU A 480 -4.28 -19.00 11.09
C LEU A 480 -4.57 -20.28 10.33
N GLU A 481 -3.58 -20.74 9.58
CA GLU A 481 -3.66 -22.01 8.88
C GLU A 481 -4.11 -23.11 9.83
N GLU A 482 -3.51 -23.13 11.02
CA GLU A 482 -3.83 -24.13 12.04
C GLU A 482 -5.27 -24.00 12.56
N MET A 483 -5.84 -22.81 12.45
CA MET A 483 -7.19 -22.56 12.93
C MET A 483 -8.23 -22.63 11.80
N GLY A 484 -7.76 -22.84 10.58
CA GLY A 484 -8.67 -22.90 9.44
C GLY A 484 -9.17 -21.51 9.06
N ALA A 485 -8.41 -20.48 9.42
CA ALA A 485 -8.74 -19.12 9.04
C ALA A 485 -7.86 -18.68 7.87
N ARG A 486 -8.31 -17.63 7.19
CA ARG A 486 -7.62 -17.14 6.01
C ARG A 486 -7.15 -15.71 6.21
N MET A 487 -5.94 -15.40 5.74
CA MET A 487 -5.48 -14.02 5.66
C MET A 487 -5.81 -13.54 4.25
N LEU A 488 -6.56 -12.44 4.15
CA LEU A 488 -7.08 -11.98 2.85
C LEU A 488 -6.35 -10.75 2.31
N LEU A 489 -6.27 -9.71 3.12
CA LEU A 489 -5.69 -8.45 2.67
C LEU A 489 -4.80 -7.81 3.72
N GLN A 490 -3.80 -7.07 3.25
CA GLN A 490 -3.05 -6.15 4.10
C GLN A 490 -3.25 -4.77 3.51
N VAL A 491 -3.55 -3.80 4.36
CA VAL A 491 -3.64 -2.39 3.93
C VAL A 491 -2.74 -1.55 4.83
N HIS A 492 -1.43 -1.79 4.68
CA HIS A 492 -0.36 -1.05 5.36
C HIS A 492 -0.23 -1.31 6.85
N ASP A 493 -1.19 -0.87 7.65
CA ASP A 493 -1.13 -1.19 9.07
C ASP A 493 -2.38 -1.94 9.50
N GLU A 494 -3.05 -2.53 8.52
CA GLU A 494 -4.30 -3.23 8.75
C GLU A 494 -4.24 -4.61 8.10
N LEU A 495 -4.83 -5.60 8.77
CA LEU A 495 -5.03 -6.92 8.18
C LEU A 495 -6.50 -7.25 8.17
N VAL A 496 -6.95 -7.88 7.08
CA VAL A 496 -8.30 -8.40 7.00
C VAL A 496 -8.24 -9.92 6.84
N LEU A 497 -8.84 -10.62 7.80
CA LEU A 497 -8.84 -12.07 7.82
C LEU A 497 -10.27 -12.56 7.58
N GLU A 498 -10.39 -13.85 7.27
CA GLU A 498 -11.69 -14.47 7.10
C GLU A 498 -11.68 -15.74 7.94
N ALA A 499 -12.62 -15.86 8.86
CA ALA A 499 -12.65 -17.00 9.80
C ALA A 499 -14.01 -17.66 9.85
N PRO A 500 -14.03 -18.99 10.08
CA PRO A 500 -15.33 -19.62 10.32
C PRO A 500 -16.03 -18.93 11.48
N LYS A 501 -17.33 -18.73 11.38
CA LYS A 501 -18.09 -17.99 12.39
C LYS A 501 -17.83 -18.49 13.80
N GLU A 502 -17.80 -19.81 13.96
CA GLU A 502 -17.58 -20.45 15.23
C GLU A 502 -16.22 -20.12 15.85
N ARG A 503 -15.26 -19.74 15.02
CA ARG A 503 -13.89 -19.50 15.48
C ARG A 503 -13.50 -18.03 15.38
N ALA A 504 -14.41 -17.21 14.87
CA ALA A 504 -14.11 -15.80 14.58
C ALA A 504 -13.61 -15.02 15.79
N GLU A 505 -14.25 -15.20 16.94
CA GLU A 505 -13.84 -14.50 18.14
C GLU A 505 -12.44 -14.95 18.59
N ALA A 506 -12.19 -16.26 18.55
CA ALA A 506 -10.89 -16.79 18.95
C ALA A 506 -9.78 -16.30 18.02
N VAL A 507 -10.07 -16.28 16.72
CA VAL A 507 -9.11 -15.81 15.73
C VAL A 507 -8.80 -14.32 15.94
N ALA A 508 -9.83 -13.53 16.19
CA ALA A 508 -9.64 -12.10 16.43
C ALA A 508 -8.69 -11.86 17.61
N ARG A 509 -8.93 -12.55 18.71
CA ARG A 509 -8.13 -12.38 19.92
C ARG A 509 -6.69 -12.78 19.65
N LEU A 510 -6.52 -13.92 19.00
CA LEU A 510 -5.18 -14.43 18.71
C LEU A 510 -4.40 -13.47 17.81
N ALA A 511 -5.04 -13.02 16.75
CA ALA A 511 -4.40 -12.14 15.79
C ALA A 511 -3.97 -10.82 16.43
N LYS A 512 -4.84 -10.27 17.28
CA LYS A 512 -4.54 -9.06 18.02
C LYS A 512 -3.28 -9.24 18.86
N GLU A 513 -3.21 -10.35 19.59
CA GLU A 513 -2.07 -10.60 20.47
C GLU A 513 -0.79 -10.82 19.67
N VAL A 514 -0.89 -11.51 18.54
CA VAL A 514 0.28 -11.72 17.70
C VAL A 514 0.79 -10.36 17.19
N MET A 515 -0.14 -9.54 16.73
CA MET A 515 0.22 -8.22 16.19
C MET A 515 0.81 -7.29 17.24
N GLU A 516 0.23 -7.29 18.44
CA GLU A 516 0.73 -6.44 19.52
C GLU A 516 2.08 -6.91 20.07
N GLY A 517 2.30 -8.22 20.05
CA GLY A 517 3.50 -8.78 20.65
C GLY A 517 4.63 -9.07 19.67
N VAL A 518 4.47 -8.62 18.42
CA VAL A 518 5.41 -8.98 17.35
C VAL A 518 6.86 -8.58 17.64
N TYR A 519 7.06 -7.35 18.05
CA TYR A 519 8.40 -6.83 18.31
C TYR A 519 8.20 -5.62 19.20
N PRO A 520 8.23 -5.84 20.52
CA PRO A 520 7.96 -4.78 21.50
C PRO A 520 8.88 -3.58 21.33
N LEU A 521 8.29 -2.40 21.43
CA LEU A 521 9.03 -1.15 21.37
C LEU A 521 9.03 -0.49 22.74
N ALA A 522 9.52 0.74 22.81
CA ALA A 522 9.58 1.49 24.07
C ALA A 522 8.19 1.98 24.48
N VAL A 523 7.23 1.82 23.57
CA VAL A 523 5.83 2.14 23.83
C VAL A 523 5.00 0.94 23.44
N PRO A 524 3.84 0.76 24.07
CA PRO A 524 3.00 -0.39 23.72
C PRO A 524 2.52 -0.27 22.28
N LEU A 525 2.38 -1.40 21.58
CA LEU A 525 1.66 -1.39 20.33
C LEU A 525 0.24 -1.81 20.66
N GLU A 526 -0.73 -1.03 20.21
CA GLU A 526 -2.12 -1.38 20.43
C GLU A 526 -2.78 -1.68 19.09
N VAL A 527 -3.60 -2.71 19.07
CA VAL A 527 -4.29 -3.08 17.84
C VAL A 527 -5.79 -3.05 18.09
N GLU A 528 -6.51 -2.35 17.22
CA GLU A 528 -7.97 -2.33 17.31
C GLU A 528 -8.51 -3.43 16.42
N VAL A 529 -9.53 -4.13 16.89
CA VAL A 529 -10.04 -5.27 16.12
C VAL A 529 -11.56 -5.24 16.05
N GLY A 530 -12.09 -5.54 14.87
CA GLY A 530 -13.52 -5.68 14.70
C GLY A 530 -13.87 -6.93 13.92
N ILE A 531 -15.12 -7.35 14.02
CA ILE A 531 -15.61 -8.54 13.35
C ILE A 531 -16.94 -8.23 12.67
N GLY A 532 -17.12 -8.67 11.43
CA GLY A 532 -18.36 -8.40 10.72
C GLY A 532 -18.53 -9.19 9.43
N GLU A 533 -19.75 -9.14 8.90
CA GLU A 533 -20.10 -9.80 7.64
C GLU A 533 -19.55 -9.06 6.44
N ASP A 534 -19.15 -7.82 6.62
CA ASP A 534 -18.51 -7.07 5.54
C ASP A 534 -17.39 -6.19 6.07
N TRP A 535 -16.53 -5.73 5.16
CA TRP A 535 -15.35 -4.95 5.52
C TRP A 535 -15.69 -3.69 6.34
N LEU A 536 -16.76 -2.99 5.96
CA LEU A 536 -17.15 -1.79 6.68
C LEU A 536 -17.60 -2.12 8.10
N SER A 537 -18.47 -3.12 8.22
CA SER A 537 -18.98 -3.55 9.53
CA SER A 537 -18.99 -3.54 9.53
C SER A 537 -17.86 -4.06 10.43
N ALA A 538 -16.87 -4.69 9.81
CA ALA A 538 -15.74 -5.24 10.57
C ALA A 538 -14.85 -4.15 11.15
N LYS A 539 -14.89 -2.95 10.58
CA LYS A 539 -14.03 -1.87 11.07
C LYS A 539 -14.71 -0.99 12.12
N GLU A 540 -16.01 -1.23 12.34
CA GLU A 540 -16.77 -0.48 13.32
C GLU A 540 -17.07 -1.33 14.56
P DDG B 12 -7.91 4.36 4.70
OP1 DDG B 12 -8.83 3.25 5.11
OP2 DDG B 12 -8.54 5.69 4.96
O5' DDG B 12 -6.36 4.18 4.95
C5' DDG B 12 -5.81 2.89 4.95
C4' DDG B 12 -4.29 3.03 5.04
O4' DDG B 12 -3.78 3.64 3.91
C3' DDG B 12 -3.86 3.86 6.22
C2' DDG B 12 -2.45 4.22 5.74
C1' DDG B 12 -2.65 4.32 4.27
N9 DDG B 12 -2.81 5.69 3.87
C8 DDG B 12 -4.01 6.35 3.69
N7 DDG B 12 -3.75 7.65 3.30
C5 DDG B 12 -2.35 7.78 3.24
C6 DDG B 12 -1.47 8.88 2.90
O6 DDG B 12 -2.03 10.08 2.56
N1 DDG B 12 -0.10 8.70 2.93
C2 DDG B 12 0.44 7.45 3.30
N2 DDG B 12 1.85 7.26 3.32
N3 DDG B 12 -0.38 6.39 3.61
C4 DDG B 12 -1.77 6.55 3.59
O2 0L6 D . 1.26 9.05 6.58
C2 0L6 D . 0.01 9.01 6.69
N3 0L6 D . -0.74 10.03 6.27
C4 0L6 D . -2.07 9.98 6.37
N4 0L6 D . -2.82 11.02 5.94
C5 0L6 D . -2.69 8.89 6.91
C29 0L6 D . -3.97 8.91 6.97
C30 0L6 D . -5.15 8.93 7.01
C31 0L6 D . -6.63 9.01 7.12
C32 0L6 D . -7.17 9.61 5.82
C33 0L6 D . -6.73 8.79 4.61
N34 0L6 D . -6.64 9.64 3.44
C6 0L6 D . -1.93 7.78 7.36
N1 0L6 D . -0.60 7.86 7.24
C1' 0L6 D . 0.27 6.77 7.70
O4' 0L6 D . -0.40 5.50 7.70
C2' 0L6 D . 0.61 7.08 9.15
C3' 0L6 D . -0.36 6.18 9.92
O3' 0L6 D . 0.11 5.89 11.23
C4' 0L6 D . -0.45 4.96 9.03
C5' 0L6 D . -1.69 4.11 9.27
O5' 0L6 D . -2.87 4.87 8.97
PA 0L6 D . -4.16 4.73 9.92
O1A 0L6 D . -5.34 5.31 9.18
O2A 0L6 D . -4.29 3.33 10.49
O3A 0L6 D . -3.74 5.81 11.06
PB 0L6 D . -3.15 5.45 12.51
O1B 0L6 D . -2.72 4.00 12.57
O2B 0L6 D . -2.10 6.50 12.80
O3B 0L6 D . -4.39 5.76 13.48
PG 0L6 D . -5.53 4.71 13.95
O1G 0L6 D . -6.82 5.34 13.46
O2G 0L6 D . -5.19 3.40 13.26
O3G 0L6 D . -5.43 4.69 15.45
MG MG E . -3.83 2.41 12.20
MG MG F . -5.16 1.59 9.05
C FMT G . 0.76 -28.84 -20.19
O1 FMT G . 1.03 -27.63 -20.28
O2 FMT G . 0.95 -29.52 -19.19
MG MG H . -4.16 16.58 -19.63
C1 EDO I . 2.20 2.42 8.13
O1 EDO I . 2.25 3.73 7.51
C2 EDO I . 2.53 1.34 7.10
O2 EDO I . 3.88 1.48 6.65
C1 EDO J . 6.03 -9.26 -7.03
O1 EDO J . 6.12 -9.53 -5.62
C2 EDO J . 6.10 -10.54 -7.87
O2 EDO J . 5.18 -11.53 -7.38
C1 EDO K . 19.95 -13.72 -20.07
O1 EDO K . 20.88 -13.05 -19.20
C2 EDO K . 20.50 -15.10 -20.41
O2 EDO K . 20.46 -15.92 -19.23
C1 EDO L . -7.78 0.44 -7.34
O1 EDO L . -8.05 1.83 -7.55
C2 EDO L . -8.66 -0.48 -8.19
O2 EDO L . -9.89 -0.62 -7.47
C1 EDO M . -23.60 -5.27 1.50
O1 EDO M . -22.91 -5.76 2.66
C2 EDO M . -23.45 -6.32 0.41
O2 EDO M . -24.21 -7.51 0.76
MG MG N . 1.29 10.33 -11.66
#